data_9ECG
#
_entry.id   9ECG
#
_cell.length_a   98.431
_cell.length_b   98.431
_cell.length_c   68.795
_cell.angle_alpha   90.000
_cell.angle_beta   90.000
_cell.angle_gamma   120.000
#
_symmetry.space_group_name_H-M   'P 31 2 1'
#
loop_
_entity.id
_entity.type
_entity.pdbx_description
1 polymer 'Pantothenate kinase 3'
2 non-polymer 1,2-ETHANEDIOL
3 non-polymer N-(4-{2-[4-(6-chloropyridazin-3-yl)piperazin-1-yl]-2-oxoethyl}-2-fluorophenyl)ethanesulfonamide
4 non-polymer 'PHOSPHOAMINOPHOSPHONIC ACID-ADENYLATE ESTER'
5 non-polymer 'MAGNESIUM ION'
6 non-polymer 'CHLORIDE ION'
7 water water
#
_entity_poly.entity_id   1
_entity_poly.type   'polypeptide(L)'
_entity_poly.pdbx_seq_one_letter_code
;MGSSHHHHHHSSGLVPRGSPWFGMDIGGTLVKLSYFEPIDITAEEEQEEVESLKSIRKYLTSNVAYGSTGIRDVHLELKD
LTLFGRRGNLHFIRFPTQDLPTFIQMGRDKNFSTLQTVLCATGGGAYKFEKDFRTIGNLHLHKLDELDCLVKGLLYIDSV
SFNGQAECYYFANASEPERCQKMPFNLDDPYPLLVVNIGSGVSILAVHSKDNYKRVTGTSLGGGTFLGLCSLLTGCESFE
EALEMASKGDSTQADKLVRDIYGGDYERFGLPGWAVASSFGNMIYKEKRESVSKEDLARATLVTITNNIGSVARMCAVNE
KINRVVFVGNFLRVNTLSMKLLAYALDYWSKGQLKALFLEHEGYFGAVGALLGLPNFSDD
;
_entity_poly.pdbx_strand_id   A
#
loop_
_chem_comp.id
_chem_comp.type
_chem_comp.name
_chem_comp.formula
A1BHG non-polymer N-(4-{2-[4-(6-chloropyridazin-3-yl)piperazin-1-yl]-2-oxoethyl}-2-fluorophenyl)ethanesulfonamide 'C18 H21 Cl F N5 O3 S'
ANP non-polymer 'PHOSPHOAMINOPHOSPHONIC ACID-ADENYLATE ESTER' 'C10 H17 N6 O12 P3'
CL non-polymer 'CHLORIDE ION' 'Cl -1'
EDO non-polymer 1,2-ETHANEDIOL 'C2 H6 O2'
MG non-polymer 'MAGNESIUM ION' 'Mg 2'
#
# COMPACT_ATOMS: atom_id res chain seq x y z
N SER A 19 12.65 26.60 -1.77
CA SER A 19 12.62 25.22 -1.31
C SER A 19 11.43 24.47 -1.89
N PRO A 20 11.69 23.32 -2.52
CA PRO A 20 10.59 22.52 -3.07
C PRO A 20 9.77 21.88 -1.96
N TRP A 21 8.53 21.53 -2.30
CA TRP A 21 7.57 20.98 -1.34
C TRP A 21 7.54 19.47 -1.51
N PHE A 22 8.20 18.77 -0.58
CA PHE A 22 8.29 17.32 -0.61
C PHE A 22 7.58 16.70 0.59
N GLY A 23 7.15 15.46 0.42
CA GLY A 23 6.70 14.63 1.52
C GLY A 23 7.24 13.23 1.32
N MET A 24 7.92 12.68 2.33
CA MET A 24 8.64 11.43 2.16
C MET A 24 8.25 10.44 3.25
N ASP A 25 7.94 9.21 2.82
CA ASP A 25 7.65 8.10 3.72
C ASP A 25 8.69 7.03 3.45
N ILE A 26 9.69 6.92 4.34
CA ILE A 26 10.77 5.96 4.19
C ILE A 26 10.38 4.71 4.97
N GLY A 27 9.84 3.71 4.26
CA GLY A 27 9.43 2.48 4.88
C GLY A 27 10.54 1.44 4.93
N GLY A 28 10.18 0.26 5.44
CA GLY A 28 11.12 -0.83 5.51
C GLY A 28 11.55 -1.38 4.17
N THR A 29 10.72 -1.20 3.14
CA THR A 29 11.00 -1.72 1.81
C THR A 29 11.10 -0.62 0.77
N LEU A 30 10.14 0.30 0.72
CA LEU A 30 10.09 1.32 -0.31
C LEU A 30 10.06 2.72 0.30
N VAL A 31 10.69 3.66 -0.41
CA VAL A 31 10.57 5.08 -0.12
C VAL A 31 9.48 5.66 -1.01
N LYS A 32 8.52 6.34 -0.41
CA LYS A 32 7.44 7.00 -1.13
C LYS A 32 7.60 8.50 -1.02
N LEU A 33 7.49 9.20 -2.15
CA LEU A 33 7.75 10.64 -2.21
C LEU A 33 6.58 11.33 -2.91
N SER A 34 6.01 12.32 -2.24
CA SER A 34 4.98 13.18 -2.80
C SER A 34 5.57 14.56 -3.06
N TYR A 35 5.40 15.07 -4.27
CA TYR A 35 6.00 16.33 -4.69
C TYR A 35 4.93 17.21 -5.33
N PHE A 36 4.87 18.47 -4.88
CA PHE A 36 3.89 19.43 -5.36
C PHE A 36 4.56 20.37 -6.35
N GLU A 37 4.20 20.23 -7.63
CA GLU A 37 4.76 21.07 -8.68
C GLU A 37 3.88 22.28 -8.88
N PRO A 38 4.35 23.50 -8.59
CA PRO A 38 3.53 24.68 -8.85
C PRO A 38 3.40 24.94 -10.34
N ILE A 39 2.18 25.23 -10.79
CA ILE A 39 1.90 25.56 -12.18
C ILE A 39 1.31 26.95 -12.32
N ASP A 40 1.27 27.74 -11.25
CA ASP A 40 0.86 29.13 -11.29
C ASP A 40 2.07 30.05 -11.08
N ILE A 41 3.21 29.67 -11.63
CA ILE A 41 4.44 30.43 -11.44
C ILE A 41 4.38 31.69 -12.29
N THR A 42 4.61 32.83 -11.65
CA THR A 42 4.63 34.09 -12.37
C THR A 42 5.99 34.33 -13.00
N ALA A 43 6.03 35.29 -13.94
CA ALA A 43 7.29 35.62 -14.59
C ALA A 43 8.31 36.17 -13.60
N GLU A 44 7.86 36.87 -12.57
CA GLU A 44 8.79 37.36 -11.55
C GLU A 44 9.31 36.21 -10.69
N GLU A 45 8.44 35.27 -10.32
CA GLU A 45 8.88 34.12 -9.54
C GLU A 45 9.85 33.25 -10.32
N GLU A 46 9.73 33.22 -11.65
CA GLU A 46 10.60 32.38 -12.45
C GLU A 46 12.03 32.90 -12.47
N GLN A 47 12.21 34.22 -12.43
CA GLN A 47 13.56 34.77 -12.37
C GLN A 47 14.18 34.53 -11.01
N GLU A 48 13.43 34.78 -9.93
CA GLU A 48 13.91 34.53 -8.59
C GLU A 48 14.10 33.05 -8.29
N GLU A 49 13.71 32.16 -9.20
CA GLU A 49 13.89 30.74 -9.01
C GLU A 49 15.36 30.38 -9.16
N VAL A 50 15.95 29.81 -8.10
CA VAL A 50 17.34 29.38 -8.16
C VAL A 50 17.48 28.28 -9.21
N GLU A 51 18.61 28.28 -9.92
CA GLU A 51 18.82 27.30 -10.98
C GLU A 51 18.80 25.87 -10.45
N SER A 52 19.26 25.67 -9.22
CA SER A 52 19.17 24.33 -8.62
C SER A 52 17.72 23.95 -8.33
N LEU A 53 16.88 24.93 -7.98
CA LEU A 53 15.47 24.66 -7.77
C LEU A 53 14.76 24.37 -9.09
N LYS A 54 15.12 25.10 -10.15
CA LYS A 54 14.50 24.88 -11.44
C LYS A 54 14.99 23.58 -12.08
N SER A 55 16.27 23.25 -11.89
CA SER A 55 16.80 22.00 -12.43
C SER A 55 16.15 20.79 -11.79
N ILE A 56 15.74 20.91 -10.53
CA ILE A 56 15.07 19.79 -9.87
C ILE A 56 13.67 19.60 -10.43
N ARG A 57 12.93 20.70 -10.62
CA ARG A 57 11.57 20.60 -11.14
C ARG A 57 11.57 20.05 -12.56
N LYS A 58 12.48 20.52 -13.41
CA LYS A 58 12.55 19.99 -14.77
C LYS A 58 13.00 18.53 -14.77
N TYR A 59 13.89 18.17 -13.86
CA TYR A 59 14.35 16.78 -13.80
C TYR A 59 13.22 15.84 -13.41
N LEU A 60 12.36 16.26 -12.49
CA LEU A 60 11.29 15.39 -12.00
C LEU A 60 10.09 15.35 -12.95
N THR A 61 9.86 16.42 -13.70
CA THR A 61 8.71 16.47 -14.60
C THR A 61 9.04 16.03 -16.02
N SER A 62 10.32 15.99 -16.40
CA SER A 62 10.72 15.53 -17.72
C SER A 62 11.01 14.04 -17.78
N ASN A 63 11.09 13.36 -16.64
CA ASN A 63 11.42 11.94 -16.60
C ASN A 63 10.37 11.19 -15.79
N VAL A 64 10.11 9.96 -16.21
CA VAL A 64 9.27 9.03 -15.44
C VAL A 64 10.09 7.94 -14.76
N ALA A 65 11.36 7.78 -15.12
CA ALA A 65 12.27 6.86 -14.45
C ALA A 65 13.48 7.65 -13.98
N TYR A 66 13.83 7.49 -12.70
CA TYR A 66 14.93 8.21 -12.08
C TYR A 66 16.02 7.21 -11.73
N GLY A 67 17.18 7.36 -12.36
CA GLY A 67 18.24 6.38 -12.16
C GLY A 67 17.81 5.03 -12.68
N SER A 68 18.20 3.98 -11.97
CA SER A 68 17.84 2.62 -12.33
C SER A 68 16.65 2.08 -11.56
N THR A 69 16.26 2.72 -10.45
CA THR A 69 15.22 2.18 -9.59
C THR A 69 14.10 3.15 -9.24
N GLY A 70 14.19 4.42 -9.62
CA GLY A 70 13.15 5.38 -9.33
C GLY A 70 12.06 5.38 -10.40
N ILE A 71 10.81 5.47 -9.95
CA ILE A 71 9.65 5.45 -10.83
C ILE A 71 8.65 6.51 -10.37
N ARG A 72 8.13 7.27 -11.32
CA ARG A 72 7.03 8.20 -11.07
C ARG A 72 5.73 7.57 -11.56
N ASP A 73 4.78 7.36 -10.64
CA ASP A 73 3.47 6.82 -10.98
C ASP A 73 2.64 7.95 -11.58
N VAL A 74 2.81 8.15 -12.89
CA VAL A 74 2.18 9.28 -13.58
C VAL A 74 0.66 9.17 -13.54
N HIS A 75 0.12 7.95 -13.59
CA HIS A 75 -1.33 7.77 -13.63
C HIS A 75 -2.02 8.23 -12.35
N LEU A 76 -1.28 8.37 -11.25
CA LEU A 76 -1.85 8.79 -9.97
C LEU A 76 -1.75 10.30 -9.76
N GLU A 77 -1.15 11.04 -10.68
CA GLU A 77 -0.93 12.46 -10.48
C GLU A 77 -2.24 13.22 -10.30
N LEU A 78 -2.30 14.05 -9.28
CA LEU A 78 -3.43 14.95 -9.08
C LEU A 78 -3.09 16.31 -9.69
N LYS A 79 -3.97 16.80 -10.55
CA LYS A 79 -3.70 18.00 -11.33
C LYS A 79 -4.59 19.15 -10.88
N ASP A 80 -4.04 20.36 -10.95
CA ASP A 80 -4.75 21.60 -10.60
C ASP A 80 -5.26 21.55 -9.15
N LEU A 81 -4.44 21.01 -8.26
CA LEU A 81 -4.76 20.94 -6.84
C LEU A 81 -4.35 22.24 -6.16
N THR A 82 -5.25 22.79 -5.34
CA THR A 82 -4.99 24.01 -4.59
C THR A 82 -4.47 23.61 -3.21
N LEU A 83 -3.15 23.71 -3.02
CA LEU A 83 -2.50 23.34 -1.78
C LEU A 83 -1.71 24.52 -1.25
N PHE A 84 -1.94 24.86 0.03
CA PHE A 84 -1.24 25.96 0.70
C PHE A 84 -1.43 27.28 -0.05
N GLY A 85 -2.62 27.47 -0.61
CA GLY A 85 -2.94 28.67 -1.34
C GLY A 85 -2.40 28.73 -2.76
N ARG A 86 -1.71 27.69 -3.22
CA ARG A 86 -1.15 27.66 -4.56
C ARG A 86 -1.78 26.54 -5.38
N ARG A 87 -1.99 26.80 -6.66
CA ARG A 87 -2.42 25.77 -7.59
C ARG A 87 -1.21 25.02 -8.12
N GLY A 88 -1.32 23.70 -8.18
CA GLY A 88 -0.21 22.89 -8.63
C GLY A 88 -0.63 21.46 -8.86
N ASN A 89 0.36 20.66 -9.29
CA ASN A 89 0.18 19.24 -9.53
C ASN A 89 0.88 18.44 -8.44
N LEU A 90 0.21 17.39 -7.97
CA LEU A 90 0.76 16.52 -6.93
C LEU A 90 1.27 15.25 -7.57
N HIS A 91 2.57 15.00 -7.45
CA HIS A 91 3.22 13.86 -8.08
C HIS A 91 3.56 12.80 -7.04
N PHE A 92 3.65 11.54 -7.49
CA PHE A 92 3.88 10.41 -6.61
C PHE A 92 5.03 9.58 -7.17
N ILE A 93 6.08 9.43 -6.37
CA ILE A 93 7.33 8.81 -6.80
C ILE A 93 7.74 7.78 -5.76
N ARG A 94 8.33 6.67 -6.22
CA ARG A 94 8.77 5.61 -5.32
C ARG A 94 10.11 5.05 -5.78
N PHE A 95 10.89 4.56 -4.83
CA PHE A 95 12.11 3.84 -5.11
C PHE A 95 12.46 3.00 -3.89
N PRO A 96 13.24 1.93 -4.05
CA PRO A 96 13.56 1.06 -2.91
C PRO A 96 14.34 1.80 -1.83
N THR A 97 13.99 1.52 -0.57
CA THR A 97 14.74 2.06 0.56
C THR A 97 16.21 1.69 0.47
N GLN A 98 16.51 0.53 -0.14
CA GLN A 98 17.89 0.11 -0.33
C GLN A 98 18.71 1.12 -1.12
N ASP A 99 18.06 1.97 -1.92
CA ASP A 99 18.73 2.94 -2.76
C ASP A 99 18.68 4.36 -2.20
N LEU A 100 18.22 4.53 -0.97
CA LEU A 100 18.26 5.85 -0.34
C LEU A 100 19.65 6.45 -0.28
N PRO A 101 20.74 5.71 -0.02
CA PRO A 101 22.07 6.31 -0.11
C PRO A 101 22.35 7.01 -1.43
N THR A 102 21.93 6.41 -2.54
CA THR A 102 22.08 7.10 -3.83
C THR A 102 21.26 8.37 -3.87
N PHE A 103 20.01 8.32 -3.38
CA PHE A 103 19.17 9.51 -3.34
C PHE A 103 19.81 10.62 -2.52
N ILE A 104 20.39 10.27 -1.37
CA ILE A 104 21.01 11.28 -0.51
C ILE A 104 22.28 11.83 -1.16
N GLN A 105 23.05 10.96 -1.81
CA GLN A 105 24.29 11.40 -2.44
C GLN A 105 24.02 12.37 -3.59
N MET A 106 22.97 12.12 -4.37
CA MET A 106 22.60 13.07 -5.41
C MET A 106 22.22 14.42 -4.81
N GLY A 107 21.51 14.40 -3.68
CA GLY A 107 21.10 15.63 -3.03
C GLY A 107 22.24 16.42 -2.42
N ARG A 108 23.39 15.79 -2.20
CA ARG A 108 24.56 16.48 -1.68
C ARG A 108 25.38 17.17 -2.76
N ASP A 109 24.81 17.33 -3.96
CA ASP A 109 25.52 18.01 -5.04
C ASP A 109 24.63 19.06 -5.71
N THR A 117 15.68 24.28 2.52
CA THR A 117 14.89 23.09 2.21
C THR A 117 14.51 22.34 3.48
N VAL A 118 13.22 22.25 3.75
CA VAL A 118 12.69 21.54 4.91
C VAL A 118 12.03 20.25 4.41
N LEU A 119 12.43 19.12 5.00
CA LEU A 119 11.96 17.81 4.58
C LEU A 119 11.12 17.21 5.69
N CYS A 120 9.81 17.13 5.48
CA CYS A 120 8.92 16.41 6.38
C CYS A 120 8.99 14.94 6.00
N ALA A 121 9.56 14.12 6.88
CA ALA A 121 9.76 12.71 6.61
C ALA A 121 9.05 11.87 7.67
N THR A 122 8.51 10.73 7.23
CA THR A 122 7.81 9.82 8.11
C THR A 122 8.26 8.40 7.81
N GLY A 123 7.65 7.43 8.48
CA GLY A 123 8.08 6.05 8.38
C GLY A 123 9.28 5.77 9.27
N GLY A 124 9.61 4.48 9.37
CA GLY A 124 10.72 4.07 10.20
C GLY A 124 12.05 4.66 9.76
N GLY A 125 12.22 4.89 8.45
CA GLY A 125 13.46 5.42 7.94
C GLY A 125 13.72 6.86 8.30
N ALA A 126 12.68 7.61 8.68
CA ALA A 126 12.87 8.98 9.13
C ALA A 126 13.73 9.04 10.38
N TYR A 127 13.60 8.04 11.26
CA TYR A 127 14.44 7.94 12.44
C TYR A 127 15.76 7.23 12.16
N LYS A 128 15.72 6.13 11.40
CA LYS A 128 16.92 5.34 11.17
C LYS A 128 17.95 6.11 10.33
N PHE A 129 17.49 6.88 9.34
CA PHE A 129 18.38 7.61 8.45
C PHE A 129 18.40 9.11 8.74
N GLU A 130 18.06 9.51 9.97
CA GLU A 130 18.03 10.94 10.30
C GLU A 130 19.40 11.57 10.16
N LYS A 131 20.44 10.90 10.67
CA LYS A 131 21.79 11.44 10.56
C LYS A 131 22.26 11.52 9.11
N ASP A 132 21.76 10.62 8.25
CA ASP A 132 22.18 10.64 6.85
C ASP A 132 21.56 11.82 6.11
N PHE A 133 20.30 12.15 6.41
CA PHE A 133 19.67 13.31 5.80
C PHE A 133 20.38 14.59 6.19
N ARG A 134 20.89 14.67 7.41
CA ARG A 134 21.53 15.89 7.88
C ARG A 134 22.94 16.07 7.31
N THR A 135 23.44 15.12 6.52
CA THR A 135 24.64 15.37 5.74
C THR A 135 24.39 16.37 4.62
N ILE A 136 23.13 16.56 4.24
CA ILE A 136 22.76 17.59 3.26
C ILE A 136 22.78 18.93 3.98
N GLY A 137 23.57 19.87 3.45
CA GLY A 137 23.80 21.15 4.10
C GLY A 137 22.56 21.95 4.46
N ASN A 138 22.43 22.27 5.74
CA ASN A 138 21.37 23.11 6.29
C ASN A 138 19.98 22.53 6.08
N LEU A 139 19.88 21.26 5.67
CA LEU A 139 18.57 20.64 5.51
C LEU A 139 17.92 20.46 6.88
N HIS A 140 16.66 20.86 6.98
CA HIS A 140 15.89 20.74 8.21
C HIS A 140 14.98 19.52 8.07
N LEU A 141 15.25 18.49 8.86
CA LEU A 141 14.46 17.26 8.86
C LEU A 141 13.48 17.29 10.03
N HIS A 142 12.19 17.17 9.73
CA HIS A 142 11.15 17.11 10.75
C HIS A 142 10.46 15.76 10.66
N LYS A 143 10.61 14.95 11.70
CA LYS A 143 10.09 13.60 11.73
C LYS A 143 8.64 13.58 12.19
N LEU A 144 7.80 12.89 11.42
CA LEU A 144 6.39 12.74 11.74
C LEU A 144 6.05 11.25 11.81
N ASP A 145 5.03 10.92 12.60
CA ASP A 145 4.69 9.52 12.81
C ASP A 145 4.02 8.93 11.57
N GLU A 146 4.33 7.66 11.28
CA GLU A 146 3.89 7.05 10.03
C GLU A 146 2.40 6.78 10.00
N LEU A 147 1.74 6.70 11.16
CA LEU A 147 0.31 6.46 11.20
C LEU A 147 -0.51 7.74 11.35
N ASP A 148 0.08 8.79 11.91
CA ASP A 148 -0.53 10.12 11.81
C ASP A 148 -0.62 10.57 10.36
N CYS A 149 0.50 10.46 9.64
CA CYS A 149 0.54 10.87 8.24
C CYS A 149 -0.35 9.98 7.39
N LEU A 150 -0.48 8.70 7.74
CA LEU A 150 -1.35 7.80 7.00
C LEU A 150 -2.80 8.26 7.08
N VAL A 151 -3.26 8.57 8.30
CA VAL A 151 -4.65 8.99 8.47
C VAL A 151 -4.88 10.35 7.81
N LYS A 152 -3.95 11.29 8.04
CA LYS A 152 -4.10 12.63 7.47
C LYS A 152 -4.03 12.59 5.95
N GLY A 153 -3.12 11.79 5.40
CA GLY A 153 -3.02 11.69 3.95
C GLY A 153 -4.20 10.99 3.32
N LEU A 154 -4.72 9.95 3.98
CA LEU A 154 -5.88 9.23 3.46
C LEU A 154 -7.10 10.15 3.37
N LEU A 155 -7.40 10.84 4.47
CA LEU A 155 -8.58 11.70 4.50
C LEU A 155 -8.45 12.86 3.51
N TYR A 156 -7.23 13.33 3.28
CA TYR A 156 -7.04 14.47 2.37
C TYR A 156 -7.28 14.07 0.92
N ILE A 157 -6.68 12.94 0.49
CA ILE A 157 -6.79 12.53 -0.90
C ILE A 157 -8.25 12.23 -1.25
N ASP A 158 -8.96 11.52 -0.36
CA ASP A 158 -10.37 11.25 -0.61
C ASP A 158 -11.20 12.52 -0.59
N SER A 159 -10.77 13.54 0.14
CA SER A 159 -11.55 14.77 0.22
C SER A 159 -11.42 15.61 -1.04
N VAL A 160 -10.24 15.61 -1.66
CA VAL A 160 -10.02 16.34 -2.90
C VAL A 160 -10.33 15.52 -4.14
N SER A 161 -10.65 14.23 -3.97
CA SER A 161 -11.01 13.30 -5.05
C SER A 161 -9.82 13.02 -5.97
N PHE A 162 -9.98 12.01 -6.83
CA PHE A 162 -8.95 11.61 -7.79
C PHE A 162 -9.30 12.24 -9.14
N ASN A 163 -9.00 13.53 -9.25
CA ASN A 163 -9.27 14.31 -10.47
C ASN A 163 -10.75 14.25 -10.84
N GLY A 164 -11.62 14.34 -9.83
CA GLY A 164 -13.04 14.24 -10.02
C GLY A 164 -13.62 12.86 -9.83
N GLN A 165 -12.79 11.81 -9.90
CA GLN A 165 -13.23 10.45 -9.67
C GLN A 165 -13.09 10.10 -8.19
N ALA A 166 -13.79 9.03 -7.80
CA ALA A 166 -13.73 8.59 -6.42
C ALA A 166 -12.37 7.99 -6.11
N GLU A 167 -11.80 8.37 -4.96
CA GLU A 167 -10.56 7.75 -4.52
C GLU A 167 -10.79 6.35 -3.98
N CYS A 168 -11.98 6.09 -3.42
CA CYS A 168 -12.29 4.82 -2.80
C CYS A 168 -13.16 3.97 -3.72
N TYR A 169 -12.91 2.67 -3.75
CA TYR A 169 -13.69 1.76 -4.57
C TYR A 169 -13.75 0.40 -3.89
N TYR A 170 -14.69 -0.41 -4.36
CA TYR A 170 -14.89 -1.76 -3.86
C TYR A 170 -15.25 -2.66 -5.03
N PHE A 171 -15.34 -3.96 -4.76
CA PHE A 171 -15.69 -4.95 -5.77
C PHE A 171 -17.12 -5.41 -5.51
N ALA A 172 -18.05 -4.91 -6.32
CA ALA A 172 -19.46 -5.27 -6.16
C ALA A 172 -19.69 -6.72 -6.54
N ASN A 173 -20.58 -7.39 -5.78
CA ASN A 173 -20.90 -8.79 -5.99
C ASN A 173 -19.64 -9.65 -6.00
N ALA A 174 -18.79 -9.43 -4.99
CA ALA A 174 -17.50 -10.08 -4.92
C ALA A 174 -17.59 -11.60 -4.79
N SER A 175 -18.77 -12.13 -4.44
CA SER A 175 -18.95 -13.57 -4.36
C SER A 175 -19.31 -14.19 -5.71
N GLU A 176 -19.80 -13.39 -6.66
CA GLU A 176 -20.16 -13.89 -7.98
C GLU A 176 -19.12 -13.41 -8.99
N PRO A 177 -18.26 -14.29 -9.51
CA PRO A 177 -17.19 -13.83 -10.40
C PRO A 177 -17.70 -13.24 -11.70
N GLU A 178 -18.84 -13.73 -12.22
CA GLU A 178 -19.42 -13.16 -13.44
C GLU A 178 -20.02 -11.78 -13.21
N ARG A 179 -20.15 -11.35 -11.96
CA ARG A 179 -20.65 -10.02 -11.63
C ARG A 179 -19.64 -9.15 -10.90
N CYS A 180 -18.52 -9.72 -10.46
CA CYS A 180 -17.52 -8.95 -9.72
C CYS A 180 -16.93 -7.87 -10.60
N GLN A 181 -17.10 -6.61 -10.19
CA GLN A 181 -16.61 -5.48 -10.97
C GLN A 181 -16.28 -4.32 -10.04
N LYS A 182 -15.30 -3.51 -10.45
CA LYS A 182 -14.89 -2.37 -9.67
C LYS A 182 -15.95 -1.28 -9.71
N MET A 183 -16.29 -0.74 -8.54
CA MET A 183 -17.34 0.27 -8.39
C MET A 183 -16.89 1.32 -7.38
N PRO A 184 -17.20 2.59 -7.62
CA PRO A 184 -16.80 3.64 -6.68
C PRO A 184 -17.52 3.52 -5.34
N PHE A 185 -16.89 4.05 -4.31
CA PHE A 185 -17.44 4.03 -2.96
C PHE A 185 -17.26 5.40 -2.32
N ASN A 186 -18.32 5.87 -1.65
CA ASN A 186 -18.34 7.21 -1.07
C ASN A 186 -17.86 7.19 0.38
N LEU A 187 -16.87 8.01 0.68
CA LEU A 187 -16.34 8.17 2.03
C LEU A 187 -16.47 9.61 2.51
N ASP A 188 -17.61 10.25 2.23
CA ASP A 188 -17.76 11.66 2.58
C ASP A 188 -17.85 11.87 4.08
N ASP A 189 -18.34 10.87 4.82
CA ASP A 189 -18.14 10.80 6.27
C ASP A 189 -17.47 9.46 6.55
N PRO A 190 -16.15 9.44 6.74
CA PRO A 190 -15.40 8.17 6.79
C PRO A 190 -15.33 7.51 8.16
N TYR A 191 -16.10 7.97 9.14
CA TYR A 191 -15.92 7.39 10.47
C TYR A 191 -17.13 6.58 10.89
N PRO A 192 -16.93 5.43 11.55
CA PRO A 192 -15.60 4.88 11.86
C PRO A 192 -14.99 4.15 10.66
N LEU A 193 -13.68 3.87 10.74
CA LEU A 193 -12.99 3.25 9.63
C LEU A 193 -11.86 2.36 10.16
N LEU A 194 -11.77 1.14 9.64
CA LEU A 194 -10.66 0.25 9.92
C LEU A 194 -9.70 0.28 8.74
N VAL A 195 -8.48 0.75 8.98
CA VAL A 195 -7.45 0.84 7.95
C VAL A 195 -6.46 -0.29 8.16
N VAL A 196 -6.24 -1.09 7.11
CA VAL A 196 -5.30 -2.20 7.13
C VAL A 196 -4.15 -1.82 6.21
N ASN A 197 -3.00 -1.51 6.81
CA ASN A 197 -1.82 -1.03 6.08
C ASN A 197 -0.89 -2.22 5.84
N ILE A 198 -0.89 -2.72 4.62
CA ILE A 198 -0.10 -3.89 4.25
C ILE A 198 1.19 -3.41 3.61
N GLY A 199 2.24 -3.29 4.41
CA GLY A 199 3.56 -2.96 3.89
C GLY A 199 4.51 -4.13 4.01
N SER A 200 5.71 -3.89 4.56
CA SER A 200 6.58 -4.99 4.94
C SER A 200 5.86 -5.93 5.89
N GLY A 201 5.31 -5.37 6.97
CA GLY A 201 4.35 -6.05 7.80
C GLY A 201 2.95 -5.47 7.63
N VAL A 202 2.13 -5.65 8.66
CA VAL A 202 0.75 -5.17 8.63
C VAL A 202 0.48 -4.39 9.90
N SER A 203 -0.13 -3.21 9.74
CA SER A 203 -0.69 -2.44 10.85
C SER A 203 -2.18 -2.26 10.61
N ILE A 204 -2.96 -2.36 11.67
CA ILE A 204 -4.41 -2.21 11.59
C ILE A 204 -4.82 -1.07 12.52
N LEU A 205 -5.49 -0.07 11.96
CA LEU A 205 -5.87 1.14 12.68
C LEU A 205 -7.38 1.23 12.77
N ALA A 206 -7.87 1.77 13.90
CA ALA A 206 -9.28 2.11 14.08
C ALA A 206 -9.39 3.62 14.09
N VAL A 207 -10.02 4.18 13.06
CA VAL A 207 -10.13 5.62 12.90
C VAL A 207 -11.54 6.01 13.33
N HIS A 208 -11.65 6.60 14.52
CA HIS A 208 -12.94 7.06 15.02
C HIS A 208 -13.19 8.53 14.71
N SER A 209 -12.13 9.32 14.53
CA SER A 209 -12.25 10.73 14.21
C SER A 209 -10.95 11.17 13.54
N LYS A 210 -10.95 12.41 13.06
CA LYS A 210 -9.73 12.98 12.48
C LYS A 210 -8.65 13.19 13.54
N ASP A 211 -9.03 13.28 14.81
CA ASP A 211 -8.07 13.42 15.90
C ASP A 211 -8.16 12.26 16.90
N ASN A 212 -8.88 11.20 16.57
CA ASN A 212 -9.06 10.06 17.47
C ASN A 212 -8.92 8.77 16.66
N TYR A 213 -7.72 8.21 16.67
CA TYR A 213 -7.47 6.92 16.05
C TYR A 213 -6.48 6.15 16.90
N LYS A 214 -6.50 4.83 16.77
CA LYS A 214 -5.58 3.97 17.50
C LYS A 214 -5.15 2.79 16.63
N ARG A 215 -3.97 2.27 16.91
CA ARG A 215 -3.46 1.06 16.29
C ARG A 215 -3.95 -0.12 17.11
N VAL A 216 -4.92 -0.88 16.56
CA VAL A 216 -5.54 -1.94 17.34
C VAL A 216 -4.59 -3.13 17.49
N THR A 217 -3.84 -3.44 16.43
CA THR A 217 -2.93 -4.58 16.43
C THR A 217 -2.14 -4.56 15.13
N GLY A 218 -1.33 -5.59 14.93
CA GLY A 218 -0.60 -5.79 13.69
C GLY A 218 -0.15 -7.23 13.61
N THR A 219 0.32 -7.61 12.42
CA THR A 219 0.88 -8.92 12.21
C THR A 219 2.13 -8.80 11.34
N SER A 220 3.10 -9.67 11.60
CA SER A 220 4.33 -9.67 10.84
C SER A 220 4.22 -10.44 9.52
N LEU A 221 3.04 -10.96 9.21
CA LEU A 221 2.80 -11.68 7.95
C LEU A 221 2.24 -10.68 6.93
N GLY A 222 3.13 -9.99 6.23
CA GLY A 222 2.75 -8.95 5.31
C GLY A 222 3.38 -9.14 3.94
N GLY A 223 3.55 -8.01 3.24
CA GLY A 223 4.12 -8.07 1.90
C GLY A 223 5.54 -8.57 1.87
N GLY A 224 6.32 -8.28 2.91
CA GLY A 224 7.67 -8.81 2.98
C GLY A 224 7.70 -10.31 3.14
N THR A 225 6.70 -10.87 3.82
CA THR A 225 6.61 -12.32 3.94
C THR A 225 6.31 -12.95 2.59
N PHE A 226 5.40 -12.35 1.82
CA PHE A 226 5.10 -12.86 0.48
C PHE A 226 6.34 -12.81 -0.41
N LEU A 227 7.02 -11.66 -0.43
CA LEU A 227 8.18 -11.52 -1.29
C LEU A 227 9.36 -12.36 -0.78
N GLY A 228 9.52 -12.43 0.54
CA GLY A 228 10.61 -13.22 1.10
C GLY A 228 10.45 -14.70 0.86
N LEU A 229 9.26 -15.24 1.17
CA LEU A 229 9.02 -16.67 0.98
C LEU A 229 9.05 -17.04 -0.50
N CYS A 230 8.44 -16.20 -1.35
CA CYS A 230 8.41 -16.51 -2.78
C CYS A 230 9.80 -16.52 -3.38
N SER A 231 10.69 -15.63 -2.90
CA SER A 231 12.07 -15.66 -3.35
C SER A 231 12.77 -16.93 -2.93
N LEU A 232 12.49 -17.42 -1.71
CA LEU A 232 13.10 -18.66 -1.25
C LEU A 232 12.56 -19.87 -1.99
N LEU A 233 11.24 -19.89 -2.24
CA LEU A 233 10.59 -21.05 -2.81
C LEU A 233 10.68 -21.09 -4.34
N THR A 234 10.59 -19.94 -5.01
CA THR A 234 10.51 -19.92 -6.45
C THR A 234 11.69 -19.24 -7.13
N GLY A 235 12.58 -18.59 -6.39
CA GLY A 235 13.67 -17.88 -7.01
C GLY A 235 13.27 -16.64 -7.77
N CYS A 236 12.05 -16.14 -7.55
CA CYS A 236 11.61 -14.92 -8.22
C CYS A 236 12.50 -13.75 -7.83
N GLU A 237 12.70 -12.83 -8.78
CA GLU A 237 13.62 -11.72 -8.60
C GLU A 237 12.92 -10.37 -8.45
N SER A 238 11.60 -10.31 -8.55
CA SER A 238 10.88 -9.06 -8.39
C SER A 238 9.49 -9.33 -7.86
N PHE A 239 8.89 -8.30 -7.28
CA PHE A 239 7.51 -8.38 -6.81
C PHE A 239 6.56 -8.66 -7.98
N GLU A 240 6.81 -8.03 -9.13
CA GLU A 240 5.94 -8.23 -10.29
C GLU A 240 6.08 -9.65 -10.84
N GLU A 241 7.30 -10.20 -10.81
CA GLU A 241 7.48 -11.56 -11.30
C GLU A 241 6.81 -12.58 -10.38
N ALA A 242 6.80 -12.31 -9.07
CA ALA A 242 6.12 -13.20 -8.14
C ALA A 242 4.62 -13.21 -8.40
N LEU A 243 4.03 -12.03 -8.65
CA LEU A 243 2.61 -11.98 -8.99
C LEU A 243 2.33 -12.70 -10.30
N GLU A 244 3.25 -12.60 -11.26
CA GLU A 244 3.07 -13.27 -12.54
C GLU A 244 3.11 -14.79 -12.38
N MET A 245 4.03 -15.30 -11.56
CA MET A 245 4.04 -16.72 -11.26
C MET A 245 2.76 -17.14 -10.55
N ALA A 246 2.30 -16.33 -9.60
CA ALA A 246 1.13 -16.69 -8.81
C ALA A 246 -0.12 -16.77 -9.68
N SER A 247 -0.22 -15.90 -10.68
CA SER A 247 -1.40 -15.92 -11.55
C SER A 247 -1.47 -17.18 -12.41
N LYS A 248 -0.35 -17.87 -12.58
CA LYS A 248 -0.30 -19.09 -13.38
C LYS A 248 -0.36 -20.36 -12.54
N GLY A 249 -0.38 -20.25 -11.22
CA GLY A 249 -0.30 -21.41 -10.35
C GLY A 249 -1.64 -21.88 -9.83
N ASP A 250 -1.60 -23.01 -9.13
CA ASP A 250 -2.76 -23.62 -8.48
C ASP A 250 -2.37 -23.85 -7.02
N SER A 251 -2.89 -23.00 -6.12
CA SER A 251 -2.50 -23.07 -4.71
C SER A 251 -2.96 -24.36 -4.05
N THR A 252 -3.99 -25.02 -4.58
CA THR A 252 -4.46 -26.27 -4.00
C THR A 252 -3.46 -27.41 -4.17
N GLN A 253 -2.44 -27.24 -5.02
CA GLN A 253 -1.40 -28.26 -5.13
C GLN A 253 -0.52 -28.30 -3.89
N ALA A 254 -0.43 -27.18 -3.16
CA ALA A 254 0.39 -27.10 -1.96
C ALA A 254 -0.44 -27.08 -0.68
N ASP A 255 -1.62 -26.47 -0.69
CA ASP A 255 -2.44 -26.39 0.51
C ASP A 255 -3.28 -27.65 0.68
N LYS A 256 -3.53 -28.01 1.94
CA LYS A 256 -4.46 -29.07 2.27
C LYS A 256 -5.83 -28.45 2.54
N LEU A 257 -6.84 -28.95 1.85
CA LEU A 257 -8.18 -28.38 1.91
C LEU A 257 -9.05 -29.14 2.91
N VAL A 258 -10.19 -28.53 3.24
CA VAL A 258 -11.16 -29.20 4.11
C VAL A 258 -11.62 -30.52 3.49
N ARG A 259 -11.80 -30.54 2.16
CA ARG A 259 -12.22 -31.77 1.51
C ARG A 259 -11.13 -32.84 1.51
N ASP A 260 -9.86 -32.44 1.65
CA ASP A 260 -8.80 -33.43 1.79
C ASP A 260 -8.82 -34.12 3.14
N ILE A 261 -9.45 -33.50 4.15
CA ILE A 261 -9.49 -34.05 5.49
C ILE A 261 -10.82 -34.74 5.77
N TYR A 262 -11.93 -34.15 5.33
CA TYR A 262 -13.26 -34.68 5.59
C TYR A 262 -13.85 -35.45 4.43
N GLY A 263 -13.26 -35.37 3.24
CA GLY A 263 -13.89 -35.90 2.05
C GLY A 263 -14.98 -35.02 1.49
N GLY A 264 -15.11 -33.80 1.99
CA GLY A 264 -16.17 -32.90 1.56
C GLY A 264 -16.24 -31.69 2.47
N ASP A 265 -17.45 -31.19 2.66
CA ASP A 265 -17.67 -30.07 3.56
C ASP A 265 -17.63 -30.52 5.02
N TYR A 266 -17.24 -29.59 5.90
CA TYR A 266 -17.43 -29.74 7.34
C TYR A 266 -18.68 -28.94 7.70
N GLU A 267 -19.84 -29.56 7.43
CA GLU A 267 -21.10 -28.82 7.45
C GLU A 267 -21.44 -28.30 8.84
N ARG A 268 -21.01 -29.01 9.89
CA ARG A 268 -21.42 -28.65 11.24
C ARG A 268 -20.96 -27.25 11.63
N PHE A 269 -19.78 -26.83 11.16
CA PHE A 269 -19.24 -25.52 11.49
C PHE A 269 -19.11 -24.64 10.24
N GLY A 270 -19.93 -24.91 9.22
CA GLY A 270 -20.02 -24.05 8.06
C GLY A 270 -18.73 -23.88 7.29
N LEU A 271 -17.89 -24.91 7.25
CA LEU A 271 -16.64 -24.84 6.52
C LEU A 271 -16.81 -25.54 5.18
N PRO A 272 -16.76 -24.84 4.06
CA PRO A 272 -16.91 -25.51 2.76
C PRO A 272 -15.69 -26.35 2.43
N GLY A 273 -15.90 -27.33 1.53
CA GLY A 273 -14.83 -28.23 1.18
C GLY A 273 -13.64 -27.56 0.52
N TRP A 274 -13.87 -26.42 -0.14
CA TRP A 274 -12.79 -25.72 -0.81
C TRP A 274 -11.95 -24.86 0.14
N ALA A 275 -12.41 -24.66 1.37
CA ALA A 275 -11.67 -23.83 2.31
C ALA A 275 -10.34 -24.46 2.65
N VAL A 276 -9.31 -23.62 2.79
CA VAL A 276 -7.98 -24.11 3.12
C VAL A 276 -7.94 -24.53 4.58
N ALA A 277 -7.63 -25.79 4.82
CA ALA A 277 -7.51 -26.28 6.20
C ALA A 277 -6.10 -26.08 6.74
N SER A 278 -5.08 -26.26 5.90
CA SER A 278 -3.70 -26.15 6.33
C SER A 278 -2.88 -25.60 5.16
N SER A 279 -2.42 -24.36 5.29
CA SER A 279 -1.61 -23.76 4.24
C SER A 279 -0.29 -24.50 4.12
N PHE A 280 0.10 -24.80 2.88
CA PHE A 280 1.27 -25.64 2.58
C PHE A 280 1.19 -27.02 3.23
N GLY A 281 -0.01 -27.42 3.64
CA GLY A 281 -0.15 -28.65 4.40
C GLY A 281 0.07 -29.91 3.59
N ASN A 282 -0.13 -29.85 2.28
CA ASN A 282 0.16 -30.99 1.42
C ASN A 282 1.64 -31.17 1.16
N MET A 283 2.48 -30.21 1.57
CA MET A 283 3.92 -30.31 1.38
C MET A 283 4.61 -31.13 2.47
N ILE A 284 3.83 -31.73 3.38
CA ILE A 284 4.41 -32.71 4.30
C ILE A 284 4.66 -34.05 3.61
N TYR A 285 4.14 -34.24 2.40
CA TYR A 285 4.33 -35.47 1.65
C TYR A 285 5.41 -35.25 0.58
N LYS A 286 6.40 -36.13 0.56
CA LYS A 286 7.51 -35.97 -0.36
C LYS A 286 7.07 -36.04 -1.81
N GLU A 287 6.11 -36.91 -2.12
CA GLU A 287 5.65 -37.05 -3.51
C GLU A 287 4.98 -35.77 -4.00
N LYS A 288 4.30 -35.03 -3.12
CA LYS A 288 3.65 -33.80 -3.54
C LYS A 288 4.63 -32.65 -3.63
N ARG A 289 5.69 -32.66 -2.82
CA ARG A 289 6.73 -31.65 -2.95
C ARG A 289 7.47 -31.79 -4.28
N GLU A 290 7.56 -33.01 -4.82
CA GLU A 290 8.30 -33.24 -6.05
C GLU A 290 7.49 -32.92 -7.30
N SER A 291 6.16 -32.91 -7.20
CA SER A 291 5.31 -32.60 -8.35
C SER A 291 4.80 -31.17 -8.35
N VAL A 292 4.95 -30.44 -7.24
CA VAL A 292 4.48 -29.06 -7.18
C VAL A 292 5.39 -28.18 -8.03
N SER A 293 4.79 -27.18 -8.68
CA SER A 293 5.52 -26.24 -9.51
C SER A 293 5.79 -24.96 -8.71
N LYS A 294 6.71 -24.15 -9.24
CA LYS A 294 7.04 -22.89 -8.59
C LYS A 294 5.88 -21.91 -8.67
N GLU A 295 5.09 -21.96 -9.74
CA GLU A 295 3.90 -21.12 -9.83
C GLU A 295 2.88 -21.50 -8.78
N ASP A 296 2.75 -22.80 -8.49
CA ASP A 296 1.84 -23.24 -7.42
C ASP A 296 2.30 -22.69 -6.07
N LEU A 297 3.61 -22.74 -5.80
CA LEU A 297 4.12 -22.26 -4.53
C LEU A 297 3.98 -20.74 -4.42
N ALA A 298 4.18 -20.03 -5.53
CA ALA A 298 3.96 -18.59 -5.54
C ALA A 298 2.50 -18.27 -5.26
N ARG A 299 1.58 -18.99 -5.90
CA ARG A 299 0.16 -18.77 -5.66
C ARG A 299 -0.22 -19.13 -4.23
N ALA A 300 0.34 -20.22 -3.69
CA ALA A 300 0.02 -20.61 -2.33
C ALA A 300 0.55 -19.60 -1.33
N THR A 301 1.71 -19.00 -1.61
CA THR A 301 2.23 -17.96 -0.73
C THR A 301 1.32 -16.74 -0.74
N LEU A 302 0.85 -16.33 -1.92
CA LEU A 302 -0.04 -15.18 -2.02
C LEU A 302 -1.35 -15.46 -1.27
N VAL A 303 -1.97 -16.60 -1.54
CA VAL A 303 -3.24 -16.94 -0.88
C VAL A 303 -3.06 -17.01 0.62
N THR A 304 -1.97 -17.62 1.08
CA THR A 304 -1.73 -17.76 2.51
C THR A 304 -1.62 -16.40 3.19
N ILE A 305 -0.81 -15.49 2.63
CA ILE A 305 -0.64 -14.18 3.22
C ILE A 305 -1.95 -13.39 3.16
N THR A 306 -2.63 -13.43 2.02
CA THR A 306 -3.83 -12.63 1.84
C THR A 306 -4.96 -13.11 2.73
N ASN A 307 -5.18 -14.43 2.81
CA ASN A 307 -6.25 -14.95 3.66
C ASN A 307 -6.02 -14.59 5.13
N ASN A 308 -4.78 -14.73 5.61
CA ASN A 308 -4.51 -14.42 7.01
C ASN A 308 -4.76 -12.95 7.31
N ILE A 309 -4.37 -12.06 6.39
CA ILE A 309 -4.62 -10.64 6.58
C ILE A 309 -6.12 -10.36 6.61
N GLY A 310 -6.88 -10.98 5.70
CA GLY A 310 -8.31 -10.77 5.70
C GLY A 310 -8.98 -11.27 6.97
N SER A 311 -8.52 -12.40 7.50
CA SER A 311 -9.09 -12.95 8.72
C SER A 311 -8.79 -12.06 9.92
N VAL A 312 -7.56 -11.54 10.02
CA VAL A 312 -7.21 -10.65 11.11
C VAL A 312 -8.01 -9.34 11.00
N ALA A 313 -8.21 -8.86 9.77
CA ALA A 313 -8.99 -7.65 9.58
C ALA A 313 -10.44 -7.85 10.02
N ARG A 314 -11.02 -9.00 9.70
CA ARG A 314 -12.40 -9.29 10.10
C ARG A 314 -12.51 -9.38 11.62
N MET A 315 -11.55 -10.04 12.27
CA MET A 315 -11.58 -10.16 13.72
C MET A 315 -11.50 -8.79 14.39
N CYS A 316 -10.63 -7.91 13.88
CA CYS A 316 -10.53 -6.57 14.45
C CYS A 316 -11.78 -5.76 14.15
N ALA A 317 -12.37 -5.95 12.97
CA ALA A 317 -13.57 -5.21 12.61
C ALA A 317 -14.73 -5.59 13.52
N VAL A 318 -14.91 -6.89 13.78
CA VAL A 318 -15.97 -7.34 14.68
C VAL A 318 -15.74 -6.82 16.08
N ASN A 319 -14.48 -6.81 16.52
CA ASN A 319 -14.15 -6.32 17.86
C ASN A 319 -14.37 -4.82 17.95
N GLU A 320 -13.77 -4.05 17.03
CA GLU A 320 -13.92 -2.61 17.04
C GLU A 320 -15.32 -2.15 16.63
N LYS A 321 -16.19 -3.06 16.21
CA LYS A 321 -17.54 -2.73 15.75
C LYS A 321 -17.51 -1.75 14.59
N ILE A 322 -16.65 -2.05 13.61
CA ILE A 322 -16.51 -1.26 12.39
C ILE A 322 -16.80 -2.17 11.20
N ASN A 323 -17.67 -1.71 10.30
CA ASN A 323 -18.07 -2.52 9.16
C ASN A 323 -17.41 -2.09 7.85
N ARG A 324 -16.60 -1.03 7.86
CA ARG A 324 -15.89 -0.57 6.67
C ARG A 324 -14.40 -0.77 6.90
N VAL A 325 -13.80 -1.66 6.11
CA VAL A 325 -12.38 -2.00 6.22
C VAL A 325 -11.71 -1.62 4.91
N VAL A 326 -10.74 -0.71 4.99
CA VAL A 326 -10.01 -0.24 3.81
C VAL A 326 -8.59 -0.77 3.88
N PHE A 327 -8.12 -1.32 2.78
CA PHE A 327 -6.80 -1.94 2.68
C PHE A 327 -5.89 -1.02 1.89
N VAL A 328 -4.75 -0.64 2.48
CA VAL A 328 -3.77 0.20 1.80
C VAL A 328 -2.40 -0.46 1.88
N GLY A 329 -1.37 0.24 1.42
CA GLY A 329 -0.05 -0.34 1.31
C GLY A 329 0.22 -0.88 -0.08
N ASN A 330 1.51 -1.06 -0.37
CA ASN A 330 1.94 -1.41 -1.72
C ASN A 330 1.89 -2.90 -2.01
N PHE A 331 1.53 -3.73 -1.03
CA PHE A 331 1.33 -5.15 -1.32
C PHE A 331 0.20 -5.37 -2.31
N LEU A 332 -0.77 -4.45 -2.35
CA LEU A 332 -1.89 -4.53 -3.27
C LEU A 332 -1.66 -3.76 -4.56
N ARG A 333 -0.52 -3.09 -4.70
CA ARG A 333 -0.20 -2.43 -5.96
C ARG A 333 -0.11 -3.45 -7.08
N VAL A 334 -0.72 -3.12 -8.22
CA VAL A 334 -0.86 -3.97 -9.41
C VAL A 334 -1.11 -5.43 -9.02
N ASN A 335 -1.84 -5.63 -7.92
CA ASN A 335 -2.10 -6.95 -7.36
C ASN A 335 -3.61 -7.14 -7.25
N THR A 336 -4.26 -7.37 -8.40
CA THR A 336 -5.70 -7.58 -8.41
C THR A 336 -6.10 -8.92 -7.81
N LEU A 337 -5.19 -9.89 -7.78
CA LEU A 337 -5.53 -11.20 -7.22
C LEU A 337 -5.78 -11.10 -5.72
N SER A 338 -4.92 -10.40 -5.00
CA SER A 338 -5.11 -10.25 -3.55
C SER A 338 -6.33 -9.38 -3.25
N MET A 339 -6.56 -8.34 -4.06
CA MET A 339 -7.71 -7.47 -3.83
C MET A 339 -9.02 -8.24 -3.97
N LYS A 340 -9.18 -8.98 -5.06
CA LYS A 340 -10.39 -9.75 -5.25
C LYS A 340 -10.51 -10.87 -4.22
N LEU A 341 -9.38 -11.46 -3.81
CA LEU A 341 -9.42 -12.46 -2.76
C LEU A 341 -9.85 -11.85 -1.44
N LEU A 342 -9.31 -10.67 -1.10
CA LEU A 342 -9.76 -9.96 0.10
C LEU A 342 -11.23 -9.60 0.00
N ALA A 343 -11.69 -9.23 -1.20
CA ALA A 343 -13.08 -8.85 -1.39
C ALA A 343 -14.01 -10.04 -1.18
N TYR A 344 -13.70 -11.17 -1.81
CA TYR A 344 -14.55 -12.35 -1.66
C TYR A 344 -14.48 -12.90 -0.25
N ALA A 345 -13.27 -13.00 0.32
CA ALA A 345 -13.11 -13.60 1.64
C ALA A 345 -13.86 -12.79 2.70
N LEU A 346 -13.65 -11.47 2.73
CA LEU A 346 -14.32 -10.63 3.72
C LEU A 346 -15.83 -10.78 3.62
N ASP A 347 -16.38 -10.71 2.41
CA ASP A 347 -17.82 -10.80 2.23
C ASP A 347 -18.36 -12.16 2.62
N TYR A 348 -17.66 -13.23 2.23
CA TYR A 348 -18.16 -14.58 2.50
C TYR A 348 -18.12 -14.90 3.99
N TRP A 349 -16.98 -14.65 4.64
CA TRP A 349 -16.82 -15.05 6.04
C TRP A 349 -17.57 -14.13 6.99
N SER A 350 -17.93 -12.92 6.58
CA SER A 350 -18.72 -12.03 7.40
C SER A 350 -20.22 -12.16 7.15
N LYS A 351 -20.62 -13.05 6.23
CA LYS A 351 -22.01 -13.18 5.81
C LYS A 351 -22.58 -11.85 5.30
N GLY A 352 -21.74 -11.04 4.65
CA GLY A 352 -22.19 -9.79 4.08
C GLY A 352 -22.14 -8.60 5.01
N GLN A 353 -21.65 -8.78 6.25
CA GLN A 353 -21.65 -7.68 7.21
C GLN A 353 -20.48 -6.73 7.03
N LEU A 354 -19.38 -7.17 6.43
CA LEU A 354 -18.19 -6.34 6.28
C LEU A 354 -17.92 -6.09 4.80
N LYS A 355 -17.35 -4.93 4.52
CA LYS A 355 -17.07 -4.48 3.15
C LYS A 355 -15.59 -4.21 3.00
N ALA A 356 -14.98 -4.80 1.96
CA ALA A 356 -13.58 -4.56 1.65
C ALA A 356 -13.47 -3.35 0.73
N LEU A 357 -12.71 -2.35 1.15
CA LEU A 357 -12.56 -1.10 0.41
C LEU A 357 -11.11 -0.91 0.01
N PHE A 358 -10.90 -0.22 -1.11
CA PHE A 358 -9.57 -0.01 -1.65
C PHE A 358 -9.45 1.43 -2.14
N LEU A 359 -8.22 1.91 -2.22
CA LEU A 359 -7.92 3.30 -2.56
C LEU A 359 -6.92 3.35 -3.71
N GLU A 360 -7.14 4.30 -4.62
CA GLU A 360 -6.30 4.38 -5.81
C GLU A 360 -4.87 4.78 -5.48
N HIS A 361 -4.67 5.58 -4.44
CA HIS A 361 -3.34 6.02 -4.01
C HIS A 361 -2.89 5.25 -2.77
N GLU A 362 -3.03 3.92 -2.82
CA GLU A 362 -2.96 3.10 -1.61
C GLU A 362 -1.59 3.15 -0.94
N GLY A 363 -0.52 3.36 -1.69
CA GLY A 363 0.80 3.32 -1.14
C GLY A 363 1.41 4.65 -0.73
N TYR A 364 0.74 5.77 -0.99
CA TYR A 364 1.36 7.09 -0.87
C TYR A 364 0.75 7.97 0.23
N PHE A 365 -0.15 7.43 1.05
CA PHE A 365 -0.86 8.30 1.99
C PHE A 365 0.05 8.83 3.09
N GLY A 366 1.05 8.05 3.51
CA GLY A 366 2.00 8.55 4.48
C GLY A 366 2.83 9.69 3.94
N ALA A 367 3.26 9.60 2.68
CA ALA A 367 4.04 10.68 2.07
C ALA A 367 3.20 11.94 1.92
N VAL A 368 1.90 11.80 1.62
CA VAL A 368 1.03 12.96 1.52
C VAL A 368 0.81 13.58 2.90
N GLY A 369 0.58 12.75 3.91
CA GLY A 369 0.39 13.28 5.26
C GLY A 369 1.61 14.02 5.77
N ALA A 370 2.80 13.53 5.44
CA ALA A 370 4.01 14.24 5.80
C ALA A 370 4.08 15.60 5.13
N LEU A 371 3.78 15.65 3.83
CA LEU A 371 3.78 16.92 3.11
C LEU A 371 2.81 17.92 3.73
N LEU A 372 1.66 17.43 4.21
CA LEU A 372 0.66 18.31 4.81
C LEU A 372 1.09 18.87 6.16
N GLY A 373 2.16 18.35 6.75
CA GLY A 373 2.70 18.90 7.98
C GLY A 373 3.66 20.05 7.77
N LEU A 374 3.90 20.45 6.52
CA LEU A 374 4.84 21.53 6.26
C LEU A 374 4.40 22.87 6.86
N PRO A 375 3.12 23.28 6.82
CA PRO A 375 2.76 24.55 7.47
C PRO A 375 3.01 24.56 8.96
N ASN A 376 2.94 23.40 9.61
CA ASN A 376 3.22 23.29 11.05
C ASN A 376 4.69 23.44 11.38
N PHE A 377 5.52 23.77 10.39
CA PHE A 377 6.94 24.02 10.62
C PHE A 377 7.36 25.30 9.90
C1 EDO B . 10.78 0.58 -7.95
O1 EDO B . 10.79 -0.82 -8.20
C2 EDO B . 10.38 0.85 -6.50
O2 EDO B . 9.01 0.45 -6.31
C1 EDO C . 8.52 -34.21 6.26
O1 EDO C . 7.25 -34.60 6.80
C2 EDO C . 9.00 -35.28 5.29
O2 EDO C . 8.07 -35.39 4.19
C10 A1BHG D . 2.26 -6.69 17.65
C12 A1BHG D . 2.90 -6.16 15.25
C13 A1BHG D . 3.68 -6.64 14.04
C14 A1BHG D . 4.32 -5.53 13.19
C15 A1BHG D . 3.77 -5.20 11.97
C16 A1BHG D . 4.36 -4.20 11.20
C18 A1BHG D . 5.49 -3.54 11.66
C02 A1BHG D . 0.82 -12.23 20.57
C03 A1BHG D . 1.89 -12.45 19.72
C04 A1BHG D . 2.29 -11.43 18.82
C07 A1BHG D . 1.55 -10.25 18.87
C09 A1BHG D . 1.26 -7.81 18.00
C22 A1BHG D . 5.09 0.08 11.66
C23 A1BHG D . 4.19 -0.47 12.75
C25 A1BHG D . 6.04 -3.89 12.88
C26 A1BHG D . 5.45 -4.88 13.65
C28 A1BHG D . 3.64 -8.19 16.50
C29 A1BHG D . 2.69 -9.37 16.72
F17 A1BHG D . 3.81 -3.86 9.99
N05 A1BHG D . 0.19 -11.09 20.53
N06 A1BHG D . 0.55 -10.12 19.70
N08 A1BHG D . 1.90 -9.16 17.98
N11 A1BHG D . 2.93 -6.98 16.45
N19 A1BHG D . 6.09 -2.51 10.84
O21 A1BHG D . 7.55 -0.35 10.59
O24 A1BHG D . 7.31 -1.11 12.71
O27 A1BHG D . 2.29 -5.15 15.24
S20 A1BHG D . 6.55 -0.98 11.45
CL01 A1BHG D . 0.29 -13.49 21.71
PG ANP E . 6.94 -0.63 6.48
O1G ANP E . 6.47 -1.74 7.39
O2G ANP E . 8.18 -0.04 7.10
O3G ANP E . 5.91 0.45 6.30
PB ANP E . 6.90 -0.22 3.79
PB ANP E . 7.00 -0.10 3.62
O1B ANP E . 6.46 1.11 4.33
O1B ANP E . 6.58 1.30 3.97
O2B ANP E . 8.05 -0.05 2.84
O2B ANP E . 8.13 -0.09 2.63
N3B ANP E . 7.32 -1.23 5.00
N3B ANP E . 7.41 -0.93 4.96
PA ANP E . 4.97 -0.57 1.54
PA ANP E . 4.94 -0.55 1.53
O1A ANP E . 5.75 0.44 0.76
O1A ANP E . 5.61 0.49 0.71
O2A ANP E . 3.61 -0.03 1.82
O2A ANP E . 3.57 -0.08 1.90
O3A ANP E . 5.71 -0.88 2.95
O3A ANP E . 5.78 -0.84 2.86
O5' ANP E . 4.84 -1.94 0.70
O5' ANP E . 4.82 -1.93 0.69
C5' ANP E . 5.91 -2.86 0.54
C5' ANP E . 5.82 -2.94 0.73
C4' ANP E . 5.35 -4.14 -0.08
C4' ANP E . 5.31 -4.15 -0.05
O4' ANP E . 4.71 -3.83 -1.33
O4' ANP E . 4.77 -3.74 -1.31
C3' ANP E . 6.48 -5.12 -0.41
C3' ANP E . 6.46 -5.10 -0.37
O3' ANP E . 6.72 -5.99 0.69
O3' ANP E . 6.68 -6.01 0.70
C2' ANP E . 5.88 -5.90 -1.60
C2' ANP E . 5.90 -5.84 -1.61
O2' ANP E . 5.09 -7.00 -1.14
O2' ANP E . 5.14 -6.97 -1.23
C1' ANP E . 4.98 -4.83 -2.29
C1' ANP E . 4.97 -4.75 -2.27
N9 ANP E . 5.64 -4.22 -3.46
N9 ANP E . 5.59 -4.18 -3.47
C8 ANP E . 4.98 -3.67 -4.52
C8 ANP E . 4.89 -3.66 -4.52
N7 ANP E . 5.88 -3.21 -5.41
N7 ANP E . 5.75 -3.22 -5.46
C5 ANP E . 7.12 -3.46 -4.93
C5 ANP E . 7.01 -3.45 -5.02
C6 ANP E . 8.42 -3.21 -5.43
C6 ANP E . 8.28 -3.20 -5.58
N6 ANP E . 8.58 -2.57 -6.65
N6 ANP E . 8.40 -2.60 -6.82
N1 ANP E . 9.47 -3.58 -4.72
N1 ANP E . 9.37 -3.56 -4.89
C2 ANP E . 9.26 -4.18 -3.57
C2 ANP E . 9.21 -4.12 -3.72
N3 ANP E . 8.09 -4.45 -3.04
N3 ANP E . 8.05 -4.39 -3.13
C4 ANP E . 6.99 -4.10 -3.68
C4 ANP E . 6.93 -4.06 -3.76
MG MG F . 4.93 1.91 5.18
CL CL G . 12.00 16.78 14.24
#